data_9J91
#
_entry.id   9J91
#
_cell.length_a   175.498
_cell.length_b   175.498
_cell.length_c   63.425
_cell.angle_alpha   90.000
_cell.angle_beta   90.000
_cell.angle_gamma   120.000
#
_symmetry.space_group_name_H-M   'P 62 2 2'
#
loop_
_entity.id
_entity.type
_entity.pdbx_description
1 polymer 'Serine protease inhibitor 1 serpin'
2 water water
#
_entity_poly.entity_id   1
_entity_poly.type   'polypeptide(L)'
_entity_poly.pdbx_seq_one_letter_code
;MSSVNFDISMANFAMELYRQSFSNQSNSFFSPYSIVLTLAMTYFGSSGRTKQQLKDRLFSVSDDQLQASLDGIFQSLQGD
QHQQEQLTMQLHLANRLFARNNLKLLPAYLTRIQKTFKADVDLVDFSNGAAAAEKINRWVANETKDRIKNLIPPDVLDEM
TCLVLVNAIYFKGNWQTRFAPESTSKQYFSVDQNTNKLVDMMHVNDTFRHAEHEQFQILQLPYESSKLAMYVLLPKEKFG
LEKLVNQLSGEQLLDSMEAVTSKKVSITFPKFKLEETLPLKKILLQLGLTSMFDHSMADFSMMTGDRSVIVSDAFHKAFI
EVNEEGSEASAATAVVAMLRSAQHVAPPAVFIADHPFMFLIADMQTQTILFMGSYRG
;
_entity_poly.pdbx_strand_id   A
#
# COMPACT_ATOMS: atom_id res chain seq x y z
N PHE A 6 -11.30 10.40 -14.42
CA PHE A 6 -10.10 11.11 -13.97
C PHE A 6 -9.01 10.12 -13.51
N ASP A 7 -7.77 10.59 -13.51
CA ASP A 7 -6.64 9.76 -13.10
C ASP A 7 -6.76 9.38 -11.62
N ILE A 8 -7.21 10.33 -10.80
CA ILE A 8 -7.49 10.07 -9.39
C ILE A 8 -8.40 8.86 -9.24
N SER A 9 -9.42 8.74 -10.09
CA SER A 9 -10.33 7.62 -9.94
C SER A 9 -9.76 6.31 -10.49
N MET A 10 -8.79 6.38 -11.39
CA MET A 10 -8.18 5.14 -11.85
C MET A 10 -7.18 4.62 -10.82
N ALA A 11 -6.42 5.51 -10.21
CA ALA A 11 -5.47 5.09 -9.19
C ALA A 11 -6.17 4.24 -8.14
N ASN A 12 -7.30 4.69 -7.61
CA ASN A 12 -7.93 3.92 -6.56
C ASN A 12 -8.81 2.78 -7.05
N PHE A 13 -9.21 2.78 -8.33
CA PHE A 13 -9.78 1.54 -8.88
C PHE A 13 -8.73 0.44 -8.85
N ALA A 14 -7.49 0.78 -9.20
CA ALA A 14 -6.39 -0.19 -9.16
C ALA A 14 -6.10 -0.64 -7.74
N MET A 15 -6.10 0.29 -6.77
CA MET A 15 -5.84 -0.07 -5.39
C MET A 15 -6.87 -1.09 -4.88
N GLU A 16 -8.14 -0.95 -5.29
CA GLU A 16 -9.14 -1.92 -4.87
C GLU A 16 -8.96 -3.27 -5.55
N LEU A 17 -8.49 -3.28 -6.80
CA LEU A 17 -8.26 -4.56 -7.47
C LEU A 17 -7.09 -5.31 -6.84
N TYR A 18 -5.99 -4.61 -6.52
CA TYR A 18 -4.93 -5.28 -5.77
C TYR A 18 -5.45 -5.75 -4.42
N ARG A 19 -6.20 -4.88 -3.74
CA ARG A 19 -6.85 -5.21 -2.47
C ARG A 19 -7.72 -6.46 -2.58
N GLN A 20 -8.59 -6.51 -3.60
CA GLN A 20 -9.42 -7.70 -3.78
C GLN A 20 -8.55 -8.94 -3.98
N SER A 21 -7.54 -8.83 -4.86
CA SER A 21 -6.90 -10.03 -5.37
C SER A 21 -5.88 -10.59 -4.38
N PHE A 22 -5.94 -10.15 -3.12
CA PHE A 22 -5.15 -10.79 -2.08
C PHE A 22 -5.90 -11.13 -0.80
N SER A 23 -7.09 -10.57 -0.54
CA SER A 23 -7.69 -10.78 0.79
C SER A 23 -7.70 -12.27 1.08
N ASN A 24 -7.37 -12.61 2.31
CA ASN A 24 -7.04 -13.98 2.64
C ASN A 24 -7.28 -14.16 4.15
N GLN A 25 -6.69 -15.25 4.68
CA GLN A 25 -6.72 -15.62 6.09
C GLN A 25 -5.44 -15.22 6.81
N SER A 26 -4.77 -14.20 6.32
CA SER A 26 -3.60 -13.63 6.95
C SER A 26 -3.76 -12.12 6.93
N ASN A 27 -2.89 -11.43 7.63
CA ASN A 27 -2.86 -9.99 7.55
C ASN A 27 -2.20 -9.55 6.25
N SER A 28 -2.29 -8.26 5.99
CA SER A 28 -1.77 -7.71 4.75
C SER A 28 -1.45 -6.23 4.96
N PHE A 29 -0.50 -5.76 4.16
CA PHE A 29 -0.11 -4.36 4.17
C PHE A 29 0.81 -4.11 2.99
N PHE A 30 0.44 -3.14 2.16
CA PHE A 30 1.21 -2.89 0.93
C PHE A 30 0.90 -1.49 0.45
N SER A 31 1.68 -1.08 -0.56
CA SER A 31 1.65 0.28 -1.07
C SER A 31 1.12 0.26 -2.50
N PRO A 32 -0.17 0.48 -2.74
CA PRO A 32 -0.61 0.59 -4.14
C PRO A 32 0.01 1.78 -4.86
N TYR A 33 0.31 2.88 -4.14
CA TYR A 33 1.04 3.99 -4.77
C TYR A 33 2.46 3.58 -5.18
N SER A 34 3.13 2.73 -4.38
CA SER A 34 4.47 2.29 -4.79
C SER A 34 4.42 1.43 -6.04
N ILE A 35 3.40 0.57 -6.14
CA ILE A 35 3.27 -0.27 -7.32
C ILE A 35 3.03 0.58 -8.55
N VAL A 36 2.20 1.61 -8.40
CA VAL A 36 1.88 2.51 -9.52
C VAL A 36 3.17 3.15 -10.06
N LEU A 37 3.91 3.84 -9.18
CA LEU A 37 5.16 4.48 -9.60
C LEU A 37 6.08 3.50 -10.33
N THR A 38 6.20 2.28 -9.83
CA THR A 38 7.06 1.33 -10.49
C THR A 38 6.45 0.81 -11.79
N LEU A 39 5.11 0.71 -11.88
CA LEU A 39 4.50 0.42 -13.17
C LEU A 39 4.61 1.60 -14.12
N ALA A 40 4.64 2.82 -13.57
CA ALA A 40 4.87 4.00 -14.41
C ALA A 40 6.25 3.97 -15.06
N MET A 41 7.27 3.47 -14.35
CA MET A 41 8.61 3.40 -14.94
C MET A 41 8.62 2.47 -16.16
N THR A 42 8.13 1.24 -15.99
CA THR A 42 7.94 0.35 -17.13
C THR A 42 7.11 1.00 -18.23
N TYR A 43 6.14 1.86 -17.85
CA TYR A 43 5.16 2.37 -18.81
C TYR A 43 5.77 3.45 -19.72
N PHE A 44 6.68 4.26 -19.17
CA PHE A 44 7.37 5.29 -19.95
C PHE A 44 8.27 4.73 -21.03
N GLY A 45 8.56 3.43 -21.01
CA GLY A 45 9.36 2.84 -22.06
C GLY A 45 8.68 1.65 -22.69
N SER A 46 7.35 1.65 -22.72
CA SER A 46 6.57 0.59 -23.34
C SER A 46 6.00 1.07 -24.67
N SER A 47 5.61 0.10 -25.49
CA SER A 47 4.89 0.41 -26.72
C SER A 47 3.97 -0.75 -27.08
N GLY A 48 3.14 -0.54 -28.10
CA GLY A 48 2.32 -1.61 -28.64
C GLY A 48 1.26 -2.10 -27.66
N ARG A 49 1.11 -3.43 -27.59
CA ARG A 49 0.08 -4.00 -26.74
C ARG A 49 0.37 -3.77 -25.28
N THR A 50 1.62 -4.03 -24.87
CA THR A 50 2.07 -3.72 -23.51
C THR A 50 1.67 -2.30 -23.12
N LYS A 51 1.99 -1.31 -23.95
CA LYS A 51 1.63 0.06 -23.60
C LYS A 51 0.13 0.25 -23.52
N GLN A 52 -0.64 -0.45 -24.37
CA GLN A 52 -2.09 -0.34 -24.31
C GLN A 52 -2.66 -1.11 -23.12
N GLN A 53 -2.05 -2.23 -22.73
CA GLN A 53 -2.54 -2.96 -21.55
C GLN A 53 -2.48 -2.08 -20.31
N LEU A 54 -1.30 -1.51 -20.04
CA LEU A 54 -1.20 -0.36 -19.14
C LEU A 54 -1.94 0.78 -19.81
N LYS A 55 -1.99 1.97 -19.22
CA LYS A 55 -2.68 3.07 -19.88
C LYS A 55 -4.18 2.81 -20.07
N ASP A 56 -4.58 1.54 -20.25
CA ASP A 56 -5.94 1.19 -19.86
C ASP A 56 -6.17 1.48 -18.38
N ARG A 57 -5.09 1.88 -17.66
CA ARG A 57 -5.05 2.29 -16.26
C ARG A 57 -4.05 3.44 -16.03
N LEU A 58 -3.87 4.33 -17.02
CA LEU A 58 -2.99 5.52 -17.03
C LEU A 58 -3.39 6.39 -18.22
N PHE A 59 -3.22 7.71 -18.11
CA PHE A 59 -3.81 8.63 -19.09
C PHE A 59 -3.01 9.91 -19.32
N SER A 60 -2.81 10.26 -20.60
CA SER A 60 -2.15 11.51 -20.97
C SER A 60 -0.70 11.52 -20.46
N VAL A 61 -0.10 12.72 -20.35
CA VAL A 61 1.05 12.95 -19.47
C VAL A 61 0.98 14.36 -18.89
N ASP A 63 3.85 13.67 -15.46
CA ASP A 63 2.46 13.72 -15.03
C ASP A 63 2.26 14.64 -13.83
N ASP A 64 1.24 14.33 -13.03
CA ASP A 64 0.83 15.14 -11.88
C ASP A 64 1.32 14.47 -10.59
N GLN A 65 2.56 14.78 -10.21
CA GLN A 65 3.15 14.24 -9.00
C GLN A 65 3.47 15.42 -8.09
N LEU A 66 2.80 15.58 -6.91
CA LEU A 66 2.18 14.63 -5.92
C LEU A 66 3.22 14.32 -4.82
N GLN A 67 4.46 14.75 -5.02
CA GLN A 67 5.48 14.53 -4.00
C GLN A 67 5.30 15.50 -2.83
N ALA A 68 4.96 14.94 -1.68
CA ALA A 68 4.64 15.69 -0.48
C ALA A 68 5.14 14.92 0.73
N MET A 89 7.58 11.32 12.72
CA MET A 89 7.00 10.68 11.54
C MET A 89 8.07 10.04 10.64
N GLN A 90 7.93 8.74 10.35
CA GLN A 90 8.92 7.96 9.60
C GLN A 90 8.27 7.35 8.36
N LEU A 91 8.68 7.80 7.18
CA LEU A 91 8.12 7.31 5.93
C LEU A 91 9.25 7.07 4.93
N HIS A 92 9.46 5.80 4.56
CA HIS A 92 10.56 5.43 3.68
C HIS A 92 10.04 4.55 2.54
N LEU A 93 10.05 5.10 1.32
CA LEU A 93 9.70 4.37 0.11
C LEU A 93 10.94 4.11 -0.74
N ALA A 94 11.14 2.86 -1.12
CA ALA A 94 12.24 2.43 -1.98
C ALA A 94 11.60 1.90 -3.26
N ASN A 95 11.58 2.71 -4.31
CA ASN A 95 10.92 2.33 -5.56
C ASN A 95 11.88 2.48 -6.72
N ARG A 96 12.30 1.35 -7.29
CA ARG A 96 13.33 1.40 -8.32
C ARG A 96 13.14 0.31 -9.37
N LEU A 97 13.57 0.62 -10.58
CA LEU A 97 13.71 -0.36 -11.65
C LEU A 97 15.18 -0.72 -11.85
N PHE A 98 15.48 -2.01 -11.82
CA PHE A 98 16.82 -2.53 -12.07
C PHE A 98 16.86 -3.20 -13.44
N ALA A 99 17.73 -2.71 -14.33
CA ALA A 99 17.92 -3.28 -15.67
C ALA A 99 19.21 -4.10 -15.74
N ARG A 100 19.20 -5.16 -16.54
CA ARG A 100 20.41 -5.94 -16.77
C ARG A 100 21.45 -5.05 -17.46
N ASN A 101 22.72 -5.20 -17.06
CA ASN A 101 23.76 -4.22 -17.36
C ASN A 101 23.98 -4.02 -18.86
N ASN A 102 23.68 -5.03 -19.68
CA ASN A 102 24.00 -5.02 -21.10
C ASN A 102 22.82 -4.60 -21.97
N LEU A 103 21.97 -3.70 -21.51
CA LEU A 103 20.79 -3.24 -22.24
C LEU A 103 21.01 -1.80 -22.67
N LYS A 104 21.15 -1.57 -23.97
CA LYS A 104 21.29 -0.21 -24.46
C LYS A 104 19.96 0.51 -24.29
N LEU A 105 19.76 1.12 -23.12
CA LEU A 105 18.57 1.93 -22.90
C LEU A 105 18.67 3.21 -23.70
N LEU A 106 17.56 3.59 -24.33
CA LEU A 106 17.53 4.84 -25.05
C LEU A 106 17.67 6.01 -24.08
N PRO A 107 18.37 7.08 -24.47
CA PRO A 107 18.58 8.18 -23.52
C PRO A 107 17.30 8.91 -23.17
N ALA A 108 16.38 9.05 -24.12
CA ALA A 108 15.13 9.77 -23.87
C ALA A 108 14.35 9.12 -22.73
N TYR A 109 14.22 7.78 -22.78
CA TYR A 109 13.63 7.05 -21.68
C TYR A 109 14.39 7.32 -20.38
N LEU A 110 15.71 7.13 -20.42
CA LEU A 110 16.54 7.37 -19.24
C LEU A 110 16.37 8.79 -18.71
N THR A 111 16.20 9.76 -19.60
CA THR A 111 16.11 11.14 -19.12
C THR A 111 14.75 11.44 -18.49
N ARG A 112 13.66 10.95 -19.09
CA ARG A 112 12.37 11.23 -18.49
C ARG A 112 12.17 10.45 -17.20
N ILE A 113 12.68 9.21 -17.15
CA ILE A 113 12.73 8.48 -15.88
C ILE A 113 13.41 9.35 -14.82
N GLN A 114 14.63 9.78 -15.12
CA GLN A 114 15.34 10.65 -14.19
C GLN A 114 14.52 11.89 -13.86
N LYS A 115 13.90 12.53 -14.84
CA LYS A 115 13.21 13.77 -14.51
C LYS A 115 11.85 13.55 -13.86
N THR A 116 11.44 12.30 -13.62
CA THR A 116 10.13 12.04 -13.01
C THR A 116 10.19 11.38 -11.65
N PHE A 117 11.15 10.50 -11.41
CA PHE A 117 11.18 9.79 -10.13
C PHE A 117 12.47 10.08 -9.36
N LYS A 118 12.48 9.63 -8.10
CA LYS A 118 13.61 9.84 -7.21
C LYS A 118 14.78 8.92 -7.57
N ALA A 119 14.52 7.61 -7.67
CA ALA A 119 15.53 6.61 -8.01
C ALA A 119 15.48 6.33 -9.50
N ASP A 120 16.52 6.78 -10.23
CA ASP A 120 16.62 6.48 -11.64
C ASP A 120 17.04 5.02 -11.84
N VAL A 121 17.14 4.61 -13.11
CA VAL A 121 17.34 3.19 -13.41
C VAL A 121 18.77 2.78 -13.04
N ASP A 122 18.89 1.69 -12.31
CA ASP A 122 20.17 1.16 -11.92
C ASP A 122 20.50 -0.08 -12.73
N LEU A 123 21.70 -0.12 -13.30
CA LEU A 123 22.16 -1.30 -14.04
C LEU A 123 22.84 -2.27 -13.10
N VAL A 124 22.60 -3.56 -13.32
CA VAL A 124 23.07 -4.63 -12.45
C VAL A 124 23.48 -5.82 -13.32
N ASP A 125 24.55 -6.49 -12.90
CA ASP A 125 24.96 -7.76 -13.51
C ASP A 125 24.32 -8.90 -12.72
N PHE A 126 23.30 -9.53 -13.31
CA PHE A 126 22.57 -10.58 -12.61
C PHE A 126 23.28 -11.94 -12.67
N SER A 127 24.30 -12.10 -13.52
CA SER A 127 25.04 -13.36 -13.57
C SER A 127 25.63 -13.72 -12.21
N ASN A 128 26.06 -12.72 -11.44
CA ASN A 128 26.39 -12.95 -10.04
C ASN A 128 25.08 -12.83 -9.26
N GLY A 129 24.38 -13.96 -9.15
CA GLY A 129 23.08 -13.96 -8.50
C GLY A 129 23.14 -13.44 -7.08
N ALA A 130 24.18 -13.80 -6.34
CA ALA A 130 24.29 -13.38 -4.95
C ALA A 130 24.63 -11.88 -4.85
N ALA A 131 25.60 -11.42 -5.64
CA ALA A 131 26.02 -10.03 -5.56
C ALA A 131 24.94 -9.09 -6.07
N ALA A 132 24.25 -9.49 -7.15
CA ALA A 132 23.13 -8.71 -7.67
C ALA A 132 22.00 -8.64 -6.65
N ALA A 133 21.61 -9.79 -6.10
CA ALA A 133 20.59 -9.79 -5.05
C ALA A 133 21.02 -8.98 -3.85
N GLU A 134 22.29 -9.11 -3.44
CA GLU A 134 22.79 -8.35 -2.30
C GLU A 134 23.03 -6.89 -2.66
N LYS A 135 23.34 -6.58 -3.93
CA LYS A 135 23.44 -5.18 -4.31
C LYS A 135 22.10 -4.46 -4.15
N ILE A 136 21.01 -5.12 -4.54
CA ILE A 136 19.69 -4.52 -4.46
C ILE A 136 19.23 -4.43 -3.00
N ASN A 137 19.51 -5.48 -2.22
CA ASN A 137 19.06 -5.54 -0.84
C ASN A 137 19.69 -4.43 -0.02
N ARG A 138 20.92 -4.09 -0.35
CA ARG A 138 21.65 -3.02 0.29
C ARG A 138 21.00 -1.68 0.08
N TRP A 139 20.71 -1.36 -1.17
CA TRP A 139 20.05 -0.11 -1.49
C TRP A 139 18.69 -0.03 -0.80
N VAL A 140 18.02 -1.17 -0.63
CA VAL A 140 16.73 -1.16 0.05
C VAL A 140 16.90 -0.83 1.53
N ALA A 141 17.97 -1.33 2.15
CA ALA A 141 18.16 -1.15 3.59
C ALA A 141 18.45 0.31 4.01
N ARG A 147 16.29 3.40 6.01
CA ARG A 147 15.01 3.04 5.40
C ARG A 147 14.97 1.55 5.61
N ILE A 148 15.38 1.25 6.85
CA ILE A 148 16.34 0.21 7.22
C ILE A 148 15.69 -1.05 7.76
N LYS A 149 14.54 -1.44 7.20
CA LYS A 149 13.77 -2.55 7.77
C LYS A 149 13.46 -3.66 6.77
N ASN A 150 14.39 -3.99 5.86
CA ASN A 150 14.11 -4.97 4.80
C ASN A 150 15.32 -5.82 4.42
N LEU A 151 15.04 -6.95 3.73
CA LEU A 151 16.05 -7.77 3.02
C LEU A 151 15.30 -8.56 1.92
N ILE A 152 15.07 -7.91 0.77
CA ILE A 152 13.86 -8.21 -0.02
C ILE A 152 14.00 -9.23 -1.17
N PRO A 153 14.91 -9.16 -2.14
CA PRO A 153 15.01 -10.30 -3.08
C PRO A 153 15.87 -11.38 -2.47
N PRO A 154 15.30 -12.56 -2.28
CA PRO A 154 16.08 -13.65 -1.67
C PRO A 154 17.11 -14.20 -2.64
N ASP A 155 17.84 -15.19 -2.17
CA ASP A 155 18.71 -16.01 -3.00
C ASP A 155 17.90 -16.72 -4.08
N VAL A 156 18.62 -17.24 -5.09
CA VAL A 156 18.20 -18.19 -6.13
C VAL A 156 17.15 -17.64 -7.10
N LEU A 157 17.15 -16.32 -7.38
CA LEU A 157 16.17 -15.79 -8.32
C LEU A 157 16.68 -15.05 -9.55
N ASP A 158 17.95 -14.67 -9.61
CA ASP A 158 18.44 -13.85 -10.71
C ASP A 158 19.41 -14.63 -11.59
N GLU A 159 19.01 -14.89 -12.83
CA GLU A 159 19.76 -15.73 -13.77
C GLU A 159 19.85 -15.08 -15.14
N MET A 160 18.82 -15.30 -15.96
CA MET A 160 18.62 -14.63 -17.23
C MET A 160 17.68 -13.44 -17.11
N THR A 161 17.53 -12.90 -15.90
CA THR A 161 16.53 -11.88 -15.65
C THR A 161 16.86 -10.59 -16.41
N CYS A 162 15.82 -9.81 -16.68
CA CYS A 162 15.95 -8.66 -17.56
C CYS A 162 15.68 -7.36 -16.79
N LEU A 163 14.40 -7.02 -16.58
CA LEU A 163 14.02 -5.89 -15.74
C LEU A 163 13.45 -6.39 -14.41
N VAL A 164 13.71 -5.65 -13.34
CA VAL A 164 13.19 -5.99 -12.03
C VAL A 164 12.64 -4.75 -11.36
N LEU A 165 11.39 -4.84 -10.87
CA LEU A 165 10.78 -3.76 -10.10
C LEU A 165 10.88 -4.06 -8.62
N VAL A 166 11.15 -3.01 -7.85
CA VAL A 166 11.31 -3.12 -6.40
C VAL A 166 10.45 -2.07 -5.72
N ASN A 167 9.66 -2.52 -4.73
CA ASN A 167 8.99 -1.64 -3.79
C ASN A 167 9.29 -2.13 -2.39
N ALA A 168 9.72 -1.22 -1.52
CA ALA A 168 9.96 -1.55 -0.11
C ALA A 168 9.48 -0.37 0.70
N ILE A 169 8.74 -0.62 1.79
CA ILE A 169 8.03 0.41 2.54
C ILE A 169 8.21 0.20 4.04
N TYR A 170 8.53 1.28 4.75
CA TYR A 170 8.33 1.35 6.20
C TYR A 170 7.53 2.60 6.52
N PHE A 171 6.57 2.48 7.42
CA PHE A 171 5.78 3.61 7.88
C PHE A 171 5.53 3.49 9.37
N LYS A 172 5.88 4.54 10.12
CA LYS A 172 5.57 4.68 11.54
C LYS A 172 5.24 6.17 11.71
N GLY A 173 3.96 6.48 11.81
CA GLY A 173 3.52 7.86 11.89
C GLY A 173 3.12 8.18 13.31
N ASN A 174 3.30 9.43 13.71
CA ASN A 174 2.77 9.92 14.97
C ASN A 174 1.37 10.47 14.74
N TRP A 175 0.42 10.05 15.56
CA TRP A 175 -0.96 10.51 15.43
C TRP A 175 -1.04 12.00 15.69
N GLN A 176 -2.12 12.64 15.21
CA GLN A 176 -2.32 14.01 15.63
C GLN A 176 -2.90 14.06 17.04
N THR A 177 -3.79 13.12 17.36
CA THR A 177 -4.30 12.96 18.71
C THR A 177 -3.68 11.71 19.31
N ARG A 178 -2.90 11.88 20.37
CA ARG A 178 -2.24 10.71 20.95
C ARG A 178 -3.27 9.74 21.54
N PHE A 179 -2.89 8.47 21.57
CA PHE A 179 -3.57 7.48 22.39
C PHE A 179 -2.95 7.50 23.78
N ALA A 180 -3.81 7.49 24.80
CA ALA A 180 -3.35 7.41 26.18
C ALA A 180 -2.72 6.05 26.44
N PRO A 181 -1.40 5.95 26.60
CA PRO A 181 -0.76 4.63 26.65
C PRO A 181 -1.18 3.77 27.85
N GLU A 182 -1.60 4.38 28.96
CA GLU A 182 -2.08 3.59 30.10
C GLU A 182 -3.52 3.13 29.97
N SER A 183 -4.22 3.52 28.91
CA SER A 183 -5.52 2.91 28.64
C SER A 183 -5.44 1.76 27.65
N THR A 184 -4.24 1.42 27.19
CA THR A 184 -4.07 0.24 26.36
C THR A 184 -4.22 -1.01 27.23
N SER A 185 -5.28 -1.77 26.98
CA SER A 185 -5.51 -3.04 27.64
C SER A 185 -5.79 -4.11 26.60
N LYS A 186 -5.70 -5.36 27.01
CA LYS A 186 -5.90 -6.48 26.09
C LYS A 186 -7.36 -6.88 26.10
N GLN A 187 -7.86 -7.27 24.93
CA GLN A 187 -9.28 -7.51 24.74
C GLN A 187 -9.49 -8.64 23.75
N TYR A 188 -10.70 -9.19 23.78
CA TYR A 188 -11.09 -10.21 22.80
C TYR A 188 -11.03 -9.64 21.39
N PHE A 189 -10.36 -10.35 20.51
CA PHE A 189 -10.42 -10.07 19.07
C PHE A 189 -11.01 -11.29 18.37
N SER A 190 -12.17 -11.11 17.76
CA SER A 190 -12.87 -12.20 17.11
C SER A 190 -12.18 -12.48 15.78
N VAL A 191 -11.30 -13.49 15.76
CA VAL A 191 -10.66 -13.84 14.49
C VAL A 191 -11.62 -14.63 13.61
N ASP A 192 -12.37 -15.54 14.23
CA ASP A 192 -13.11 -16.55 13.52
C ASP A 192 -14.34 -16.89 14.30
N GLN A 193 -15.29 -17.52 13.60
CA GLN A 193 -16.37 -18.19 14.29
C GLN A 193 -15.82 -19.08 15.40
N ASN A 194 -14.60 -19.60 15.22
CA ASN A 194 -14.01 -20.51 16.18
C ASN A 194 -12.70 -20.03 16.81
N THR A 195 -12.23 -18.81 16.54
CA THR A 195 -10.94 -18.38 17.05
C THR A 195 -11.06 -17.01 17.71
N ASN A 196 -10.76 -16.95 19.01
CA ASN A 196 -10.53 -15.70 19.72
C ASN A 196 -9.03 -15.48 19.92
N LYS A 197 -8.62 -14.20 19.89
CA LYS A 197 -7.26 -13.79 20.22
C LYS A 197 -7.33 -12.60 21.17
N LEU A 198 -6.28 -12.42 21.94
CA LEU A 198 -6.16 -11.26 22.82
C LEU A 198 -5.12 -10.32 22.21
N VAL A 199 -5.54 -9.08 21.92
CA VAL A 199 -4.65 -8.10 21.31
C VAL A 199 -4.67 -6.82 22.14
N ASP A 200 -3.57 -6.08 22.10
CA ASP A 200 -3.48 -4.81 22.81
C ASP A 200 -4.32 -3.76 22.11
N MET A 201 -5.37 -3.30 22.79
CA MET A 201 -6.28 -2.30 22.25
C MET A 201 -5.94 -0.93 22.83
N MET A 202 -5.72 0.03 21.95
CA MET A 202 -5.61 1.42 22.37
C MET A 202 -7.01 2.01 22.54
N HIS A 203 -7.11 3.07 23.35
CA HIS A 203 -8.40 3.70 23.61
C HIS A 203 -8.27 5.22 23.60
N VAL A 204 -9.29 5.89 23.08
CA VAL A 204 -9.32 7.34 23.07
C VAL A 204 -10.75 7.80 22.82
N ASN A 205 -11.11 8.91 23.44
CA ASN A 205 -12.40 9.56 23.27
C ASN A 205 -12.10 11.01 22.97
N ASP A 206 -12.36 11.43 21.74
CA ASP A 206 -12.05 12.78 21.27
C ASP A 206 -12.79 13.00 19.94
N THR A 207 -12.51 14.12 19.28
CA THR A 207 -13.22 14.46 18.06
C THR A 207 -12.50 13.86 16.88
N PHE A 208 -13.24 13.10 16.06
CA PHE A 208 -12.71 12.54 14.84
C PHE A 208 -13.79 12.59 13.79
N ARG A 209 -13.36 12.50 12.54
CA ARG A 209 -14.28 12.43 11.42
C ARG A 209 -14.67 10.98 11.19
N HIS A 210 -15.97 10.73 11.14
CA HIS A 210 -16.53 9.40 11.16
C HIS A 210 -17.81 9.43 10.34
N ALA A 211 -18.25 8.26 9.87
CA ALA A 211 -19.54 8.15 9.22
C ALA A 211 -20.03 6.71 9.34
N GLU A 212 -21.34 6.55 9.48
CA GLU A 212 -21.96 5.23 9.39
C GLU A 212 -22.50 5.01 7.99
N HIS A 213 -22.41 3.76 7.54
CA HIS A 213 -23.03 3.31 6.30
C HIS A 213 -23.77 2.02 6.62
N GLU A 214 -24.41 1.43 5.61
CA GLU A 214 -25.19 0.23 5.88
C GLU A 214 -24.28 -0.90 6.34
N GLN A 215 -23.19 -1.15 5.62
CA GLN A 215 -22.33 -2.31 5.88
C GLN A 215 -21.12 -2.03 6.73
N PHE A 216 -20.82 -0.77 7.07
CA PHE A 216 -19.57 -0.51 7.74
C PHE A 216 -19.55 0.89 8.29
N GLN A 217 -18.73 1.09 9.31
CA GLN A 217 -18.36 2.42 9.77
C GLN A 217 -16.99 2.76 9.22
N ILE A 218 -16.76 4.05 9.03
CA ILE A 218 -15.47 4.52 8.54
C ILE A 218 -14.96 5.59 9.50
N LEU A 219 -13.72 5.46 9.91
CA LEU A 219 -13.12 6.40 10.84
C LEU A 219 -11.83 6.92 10.24
N GLN A 220 -11.59 8.22 10.39
CA GLN A 220 -10.35 8.85 9.96
C GLN A 220 -9.49 9.17 11.17
N LEU A 221 -8.23 8.70 11.16
CA LEU A 221 -7.26 8.98 12.23
C LEU A 221 -6.09 9.77 11.67
N PRO A 222 -6.06 11.09 11.86
CA PRO A 222 -5.00 11.90 11.22
C PRO A 222 -3.65 11.69 11.89
N TYR A 223 -2.61 11.80 11.07
CA TYR A 223 -1.22 11.81 11.53
C TYR A 223 -0.78 13.25 11.84
N GLU A 224 0.29 13.39 12.63
CA GLU A 224 0.51 14.67 13.31
C GLU A 224 0.91 15.80 12.35
N SER A 225 1.86 15.58 11.45
CA SER A 225 1.98 16.49 10.31
C SER A 225 0.87 16.08 9.35
N SER A 226 -0.22 16.85 9.36
CA SER A 226 -1.55 16.35 9.02
C SER A 226 -1.80 16.17 7.53
N LYS A 227 -0.72 16.00 6.75
CA LYS A 227 -0.90 15.60 5.36
C LYS A 227 -1.59 14.24 5.28
N LEU A 228 -1.14 13.29 6.09
CA LEU A 228 -1.61 11.91 6.03
C LEU A 228 -2.67 11.64 7.08
N ALA A 229 -3.48 10.62 6.80
CA ALA A 229 -4.48 10.11 7.72
C ALA A 229 -4.62 8.62 7.48
N MET A 230 -4.95 7.88 8.53
CA MET A 230 -5.37 6.50 8.37
C MET A 230 -6.90 6.48 8.34
N TYR A 231 -7.45 5.70 7.41
CA TYR A 231 -8.89 5.46 7.31
C TYR A 231 -9.13 4.00 7.63
N VAL A 232 -10.13 3.73 8.46
CA VAL A 232 -10.41 2.37 8.95
C VAL A 232 -11.86 2.01 8.64
N LEU A 233 -12.04 0.88 7.96
CA LEU A 233 -13.34 0.44 7.49
C LEU A 233 -13.72 -0.81 8.27
N LEU A 234 -14.61 -0.63 9.23
CA LEU A 234 -15.00 -1.68 10.18
C LEU A 234 -16.34 -2.27 9.75
N PRO A 235 -16.38 -3.50 9.24
CA PRO A 235 -17.67 -4.07 8.80
C PRO A 235 -18.66 -4.14 9.95
N LYS A 236 -19.93 -3.88 9.63
CA LYS A 236 -20.98 -4.01 10.64
C LYS A 236 -21.13 -5.45 11.11
N GLU A 237 -20.94 -6.40 10.19
CA GLU A 237 -20.99 -7.82 10.55
C GLU A 237 -19.63 -8.31 11.01
N LYS A 238 -19.63 -9.06 12.12
CA LYS A 238 -18.39 -9.51 12.77
C LYS A 238 -17.39 -10.07 11.75
N PHE A 239 -17.85 -10.92 10.83
CA PHE A 239 -16.97 -11.55 9.83
C PHE A 239 -17.35 -11.13 8.42
N GLY A 240 -17.73 -9.86 8.25
CA GLY A 240 -18.17 -9.39 6.97
C GLY A 240 -17.09 -8.77 6.11
N LEU A 241 -15.82 -8.87 6.53
CA LEU A 241 -14.76 -8.09 5.90
C LEU A 241 -14.64 -8.41 4.42
N GLU A 242 -14.58 -9.69 4.06
CA GLU A 242 -14.40 -10.04 2.66
C GLU A 242 -15.60 -9.61 1.80
N LYS A 243 -16.82 -9.74 2.31
CA LYS A 243 -17.98 -9.27 1.58
C LYS A 243 -17.90 -7.75 1.36
N LEU A 244 -17.43 -7.02 2.37
CA LEU A 244 -17.22 -5.59 2.18
C LEU A 244 -16.22 -5.33 1.06
N VAL A 245 -15.09 -6.05 1.09
CA VAL A 245 -14.00 -5.80 0.17
C VAL A 245 -14.44 -6.03 -1.27
N ASN A 246 -15.30 -7.02 -1.48
CA ASN A 246 -15.75 -7.37 -2.83
C ASN A 246 -16.96 -6.56 -3.30
N GLN A 247 -17.59 -5.75 -2.44
CA GLN A 247 -18.67 -4.88 -2.87
C GLN A 247 -18.20 -3.46 -3.10
N LEU A 248 -17.00 -3.11 -2.65
CA LEU A 248 -16.59 -1.73 -2.57
C LEU A 248 -15.74 -1.36 -3.79
N SER A 249 -16.08 -0.25 -4.41
CA SER A 249 -15.39 0.24 -5.60
C SER A 249 -14.42 1.33 -5.20
N GLY A 250 -13.42 1.55 -6.04
CA GLY A 250 -12.59 2.72 -5.87
C GLY A 250 -13.42 3.95 -5.68
N GLU A 251 -14.46 4.12 -6.51
CA GLU A 251 -15.35 5.27 -6.42
C GLU A 251 -15.99 5.37 -5.05
N GLN A 252 -16.62 4.27 -4.60
CA GLN A 252 -17.22 4.29 -3.27
C GLN A 252 -16.16 4.60 -2.21
N LEU A 253 -14.99 3.97 -2.32
CA LEU A 253 -13.95 4.16 -1.33
C LEU A 253 -13.54 5.62 -1.21
N LEU A 254 -13.35 6.31 -2.34
CA LEU A 254 -13.00 7.74 -2.29
C LEU A 254 -14.12 8.57 -1.68
N ASP A 255 -15.36 8.39 -2.16
CA ASP A 255 -16.47 9.15 -1.61
C ASP A 255 -16.61 8.90 -0.12
N SER A 256 -16.39 7.65 0.33
CA SER A 256 -16.48 7.34 1.75
C SER A 256 -15.44 8.11 2.54
N MET A 257 -14.22 8.21 2.02
CA MET A 257 -13.19 8.98 2.70
C MET A 257 -13.55 10.46 2.76
N GLU A 258 -14.17 10.99 1.71
CA GLU A 258 -14.46 12.42 1.73
C GLU A 258 -15.63 12.75 2.65
N ALA A 259 -16.61 11.84 2.74
CA ALA A 259 -17.92 12.14 3.33
C ALA A 259 -17.99 11.71 4.80
N VAL A 260 -17.11 12.29 5.60
CA VAL A 260 -17.03 12.02 7.03
C VAL A 260 -17.12 13.34 7.77
N THR A 261 -17.79 13.33 8.91
CA THR A 261 -18.05 14.54 9.66
C THR A 261 -17.48 14.40 11.07
N SER A 262 -17.07 15.54 11.63
CA SER A 262 -16.41 15.58 12.94
C SER A 262 -17.43 15.31 14.04
N LYS A 263 -17.04 14.46 15.00
CA LYS A 263 -17.89 14.16 16.14
C LYS A 263 -17.04 13.51 17.22
N LYS A 264 -17.68 13.25 18.36
CA LYS A 264 -17.04 12.52 19.44
C LYS A 264 -17.10 11.02 19.11
N VAL A 265 -15.94 10.37 19.13
CA VAL A 265 -15.83 8.93 18.92
C VAL A 265 -15.10 8.29 20.10
N SER A 266 -15.70 7.24 20.66
CA SER A 266 -15.04 6.38 21.64
C SER A 266 -14.36 5.29 20.84
N ILE A 267 -13.03 5.36 20.71
CA ILE A 267 -12.29 4.48 19.80
C ILE A 267 -11.56 3.38 20.59
N THR A 268 -11.74 2.14 20.14
CA THR A 268 -10.90 1.02 20.55
C THR A 268 -10.21 0.48 19.30
N PHE A 269 -8.87 0.46 19.32
CA PHE A 269 -8.09 0.13 18.15
C PHE A 269 -6.79 -0.62 18.46
N PRO A 270 -6.48 -1.67 17.71
CA PRO A 270 -5.32 -2.49 18.03
C PRO A 270 -4.00 -1.77 17.84
N LYS A 271 -3.11 -1.98 18.81
CA LYS A 271 -1.68 -1.81 18.66
C LYS A 271 -1.15 -2.99 17.84
N PHE A 272 -0.30 -2.74 16.84
CA PHE A 272 0.21 -3.85 16.05
C PHE A 272 1.34 -3.42 15.12
N LYS A 273 2.07 -4.42 14.63
CA LYS A 273 3.11 -4.28 13.62
C LYS A 273 2.87 -5.34 12.57
N LEU A 274 2.96 -4.97 11.30
CA LEU A 274 2.79 -5.92 10.21
C LEU A 274 3.96 -5.78 9.26
N GLU A 275 4.63 -6.90 8.98
CA GLU A 275 5.54 -6.99 7.84
C GLU A 275 5.00 -8.05 6.91
N GLU A 276 4.86 -7.69 5.65
CA GLU A 276 4.20 -8.55 4.69
C GLU A 276 4.91 -8.38 3.36
N THR A 277 5.15 -9.49 2.69
CA THR A 277 5.74 -9.45 1.36
C THR A 277 4.63 -9.78 0.37
N LEU A 278 4.39 -8.89 -0.52
CA LEU A 278 3.30 -9.07 -1.44
C LEU A 278 3.76 -9.88 -2.65
N PRO A 279 3.07 -10.99 -3.02
CA PRO A 279 3.38 -11.72 -4.27
C PRO A 279 2.97 -10.91 -5.51
N LEU A 280 3.77 -9.88 -5.78
CA LEU A 280 3.31 -8.80 -6.66
C LEU A 280 3.18 -9.26 -8.11
N LYS A 281 4.11 -10.09 -8.60
CA LYS A 281 4.01 -10.57 -9.98
C LYS A 281 2.77 -11.44 -10.16
N LYS A 282 2.63 -12.46 -9.31
CA LYS A 282 1.46 -13.32 -9.36
C LYS A 282 0.18 -12.50 -9.33
N ILE A 283 0.09 -11.56 -8.40
CA ILE A 283 -1.10 -10.72 -8.34
C ILE A 283 -1.28 -9.95 -9.64
N LEU A 284 -0.18 -9.44 -10.20
CA LEU A 284 -0.28 -8.65 -11.42
C LEU A 284 -0.76 -9.49 -12.59
N LEU A 285 -0.29 -10.74 -12.69
CA LEU A 285 -0.79 -11.63 -13.73
C LEU A 285 -2.28 -11.91 -13.54
N GLN A 286 -2.69 -12.18 -12.29
CA GLN A 286 -4.10 -12.39 -11.98
C GLN A 286 -5.00 -11.25 -12.45
N LEU A 287 -4.43 -10.09 -12.79
CA LEU A 287 -5.19 -8.98 -13.34
C LEU A 287 -5.00 -8.81 -14.83
N GLY A 288 -4.30 -9.74 -15.49
CA GLY A 288 -4.06 -9.67 -16.92
C GLY A 288 -3.00 -8.69 -17.36
N LEU A 289 -1.75 -9.14 -17.49
CA LEU A 289 -0.64 -8.29 -17.92
C LEU A 289 0.31 -9.07 -18.84
N THR A 290 1.05 -8.33 -19.66
CA THR A 290 2.00 -8.93 -20.60
C THR A 290 3.42 -8.68 -20.10
N SER A 291 3.83 -9.51 -19.14
CA SER A 291 5.24 -9.60 -18.75
C SER A 291 5.98 -10.45 -19.78
N MET A 292 5.86 -10.11 -21.07
CA MET A 292 6.73 -10.66 -22.12
C MET A 292 6.59 -10.04 -23.52
N PHE A 293 6.33 -8.74 -23.69
CA PHE A 293 6.26 -8.35 -25.10
C PHE A 293 6.89 -7.05 -25.61
N ASP A 294 6.66 -5.83 -25.10
CA ASP A 294 7.13 -4.68 -25.90
C ASP A 294 7.60 -3.47 -25.10
N HIS A 295 8.91 -3.15 -25.18
CA HIS A 295 9.47 -2.02 -24.44
C HIS A 295 10.39 -1.12 -25.30
N SER A 296 10.81 0.00 -24.70
CA SER A 296 11.55 1.05 -25.41
C SER A 296 12.05 2.19 -24.51
N ARG A 307 14.90 -3.90 -26.41
CA ARG A 307 14.91 -4.61 -27.68
C ARG A 307 15.76 -5.89 -27.61
N SER A 308 15.18 -6.98 -27.10
CA SER A 308 13.83 -6.97 -26.53
C SER A 308 13.76 -7.62 -25.14
N VAL A 309 12.89 -7.05 -24.31
CA VAL A 309 13.07 -7.04 -22.86
C VAL A 309 11.71 -7.20 -22.17
N ILE A 310 11.70 -7.91 -21.03
CA ILE A 310 10.51 -8.13 -20.23
C ILE A 310 10.80 -7.80 -18.76
N VAL A 311 9.74 -7.65 -17.99
CA VAL A 311 9.84 -7.63 -16.53
C VAL A 311 9.90 -9.08 -16.04
N SER A 312 11.02 -9.45 -15.43
CA SER A 312 11.17 -10.81 -14.94
C SER A 312 10.62 -11.01 -13.53
N ASP A 313 10.64 -9.96 -12.71
CA ASP A 313 10.28 -10.06 -11.31
C ASP A 313 9.78 -8.71 -10.83
N ALA A 314 8.94 -8.74 -9.79
CA ALA A 314 8.52 -7.52 -9.12
C ALA A 314 8.39 -7.85 -7.63
N PHE A 315 9.14 -7.13 -6.81
CA PHE A 315 9.23 -7.40 -5.38
C PHE A 315 8.57 -6.26 -4.61
N HIS A 316 7.91 -6.63 -3.51
CA HIS A 316 7.11 -5.70 -2.72
C HIS A 316 7.12 -6.19 -1.29
N LYS A 317 7.69 -5.39 -0.40
CA LYS A 317 7.71 -5.72 1.03
C LYS A 317 7.36 -4.45 1.78
N ALA A 318 6.45 -4.57 2.75
CA ALA A 318 5.97 -3.39 3.46
C ALA A 318 5.92 -3.64 4.96
N PHE A 319 6.33 -2.63 5.71
CA PHE A 319 6.36 -2.63 7.16
C PHE A 319 5.56 -1.44 7.68
N ILE A 320 4.58 -1.72 8.54
CA ILE A 320 3.87 -0.67 9.28
C ILE A 320 3.98 -0.99 10.76
N GLU A 321 4.13 0.07 11.55
CA GLU A 321 4.02 0.02 13.01
C GLU A 321 2.94 0.98 13.49
N VAL A 322 2.04 0.47 14.31
CA VAL A 322 0.93 1.24 14.87
C VAL A 322 0.99 1.16 16.39
N ASN A 323 1.18 2.30 17.04
CA ASN A 323 1.16 2.36 18.50
C ASN A 323 0.56 3.71 18.92
N GLU A 324 0.69 4.03 20.21
CA GLU A 324 -0.10 5.07 20.84
C GLU A 324 0.40 6.50 20.56
N GLU A 325 1.61 6.66 20.03
CA GLU A 325 2.30 7.94 20.11
C GLU A 325 1.64 9.00 19.22
N GLY A 326 1.53 10.23 19.75
CA GLY A 326 0.94 11.34 19.02
C GLY A 326 1.26 12.72 19.59
N SER A 327 0.22 13.51 19.86
CA SER A 327 0.34 14.89 20.37
C SER A 327 1.14 14.99 21.68
N VAL A 345 -25.89 16.12 26.75
CA VAL A 345 -24.67 16.10 25.95
C VAL A 345 -24.60 14.82 25.10
N ALA A 346 -24.29 14.99 23.82
CA ALA A 346 -24.50 13.94 22.83
C ALA A 346 -23.67 12.69 23.15
N PRO A 347 -24.27 11.51 23.18
CA PRO A 347 -23.49 10.29 23.44
C PRO A 347 -22.49 10.04 22.33
N PRO A 348 -21.27 9.65 22.67
CA PRO A 348 -20.24 9.44 21.65
C PRO A 348 -20.61 8.30 20.70
N ALA A 349 -20.16 8.42 19.45
CA ALA A 349 -20.13 7.27 18.55
C ALA A 349 -19.08 6.26 19.01
N VAL A 350 -19.41 4.99 18.93
CA VAL A 350 -18.55 3.92 19.43
C VAL A 350 -17.95 3.18 18.25
N PHE A 351 -16.61 3.14 18.21
CA PHE A 351 -15.84 2.47 17.16
C PHE A 351 -14.92 1.43 17.82
N ILE A 352 -15.34 0.16 17.78
CA ILE A 352 -14.61 -0.92 18.45
C ILE A 352 -14.10 -1.88 17.37
N ALA A 353 -12.81 -1.79 17.08
CA ALA A 353 -12.17 -2.55 16.01
C ALA A 353 -11.67 -3.90 16.55
N ASP A 354 -12.62 -4.73 16.95
CA ASP A 354 -12.29 -6.01 17.58
C ASP A 354 -12.64 -7.20 16.69
N HIS A 355 -12.84 -6.97 15.40
CA HIS A 355 -13.03 -8.04 14.42
C HIS A 355 -12.42 -7.58 13.11
N PRO A 356 -12.12 -8.50 12.18
CA PRO A 356 -11.23 -8.17 11.06
C PRO A 356 -11.75 -6.96 10.29
N PHE A 357 -10.84 -6.04 10.00
CA PHE A 357 -11.21 -4.76 9.41
C PHE A 357 -10.21 -4.39 8.32
N MET A 358 -10.53 -3.30 7.63
CA MET A 358 -9.75 -2.81 6.52
C MET A 358 -9.17 -1.46 6.92
N PHE A 359 -7.96 -1.17 6.45
CA PHE A 359 -7.39 0.12 6.77
C PHE A 359 -6.53 0.60 5.61
N LEU A 360 -6.40 1.92 5.50
CA LEU A 360 -5.56 2.53 4.48
C LEU A 360 -4.97 3.82 5.01
N ILE A 361 -3.89 4.23 4.37
CA ILE A 361 -3.25 5.51 4.62
C ILE A 361 -3.34 6.31 3.34
N ALA A 362 -3.83 7.54 3.46
CA ALA A 362 -4.10 8.35 2.30
C ALA A 362 -3.55 9.74 2.50
N ASP A 363 -3.04 10.31 1.41
CA ASP A 363 -2.72 11.73 1.36
C ASP A 363 -4.02 12.49 1.07
N MET A 364 -4.45 13.29 2.03
CA MET A 364 -5.77 13.91 1.94
C MET A 364 -5.79 15.07 0.95
N GLN A 365 -4.64 15.71 0.74
CA GLN A 365 -4.55 16.84 -0.17
C GLN A 365 -4.52 16.41 -1.64
N THR A 366 -4.30 15.11 -1.92
CA THR A 366 -4.09 14.66 -3.30
C THR A 366 -4.87 13.38 -3.63
N GLN A 367 -5.95 13.07 -2.89
CA GLN A 367 -6.69 11.81 -3.03
C GLN A 367 -5.90 10.55 -2.62
N THR A 368 -4.57 10.63 -2.69
CA THR A 368 -3.75 9.45 -2.96
C THR A 368 -3.82 8.41 -1.84
N ILE A 369 -4.12 7.18 -2.20
CA ILE A 369 -4.05 6.05 -1.28
C ILE A 369 -2.61 5.58 -1.28
N LEU A 370 -1.90 5.83 -0.17
CA LEU A 370 -0.51 5.37 -0.08
C LEU A 370 -0.44 3.88 0.22
N PHE A 371 -1.08 3.45 1.29
CA PHE A 371 -0.97 2.07 1.75
C PHE A 371 -2.34 1.55 2.11
N MET A 372 -2.50 0.23 2.02
CA MET A 372 -3.72 -0.45 2.41
C MET A 372 -3.37 -1.72 3.15
N GLY A 373 -4.36 -2.23 3.88
CA GLY A 373 -4.18 -3.54 4.49
C GLY A 373 -5.40 -3.98 5.24
N SER A 374 -5.35 -5.24 5.70
CA SER A 374 -6.39 -5.79 6.53
C SER A 374 -5.76 -6.32 7.80
N TYR A 375 -6.50 -6.24 8.90
CA TYR A 375 -6.03 -6.73 10.19
C TYR A 375 -6.94 -7.87 10.65
N ARG A 376 -6.36 -9.07 10.79
CA ARG A 376 -7.06 -10.28 11.19
C ARG A 376 -6.87 -10.61 12.67
N GLY A 377 -5.98 -9.90 13.35
CA GLY A 377 -5.66 -10.20 14.74
C GLY A 377 -4.21 -10.60 14.97
#